data_3LPZ
#
_entry.id   3LPZ
#
_cell.length_a   54.920
_cell.length_b   79.680
_cell.length_c   94.710
_cell.angle_alpha   90.000
_cell.angle_beta   90.000
_cell.angle_gamma   90.000
#
_symmetry.space_group_name_H-M   'P 21 21 21'
#
loop_
_entity.id
_entity.type
_entity.pdbx_description
1 polymer 'Uncharacterized protein'
2 water water
#
_entity_poly.entity_id   1
_entity_poly.type   'polypeptide(L)'
_entity_poly.pdbx_seq_one_letter_code
;MGHHHHHHSNKIERIIARLQRRIAEGQPEEQYEAAQETRLVAARYSKQGNWAAAVDILASVSQTLLRSGQGGSGGDLAVL
LVDTFRQAGQRVDGASRGKLLGCLRLFQPGEPVRKRFVKEMIDWSKKFGDYPAGDPELHHVVGTLYVEEGEFEAAEKHLV
LGTKESPEVLARMEYEWYKQDESHTAPLYCARAVLPYLLVANVRAANTAYRIFTSALVEDNKGLTVQNIGSQSAELRIFP
SLPLLNFISMLLLSVQKGSPDLFRQLKSKYEANLNELNGIWDTALELIAEMYFGIQRPRQSNPLLDMMGSLFGGGGGAPS
KAALRRIDTPAAEGLD
;
_entity_poly.pdbx_strand_id   A
#
# COMPACT_ATOMS: atom_id res chain seq x y z
N ASN A 10 10.66 -16.92 -35.21
CA ASN A 10 11.97 -17.59 -34.98
C ASN A 10 13.10 -16.58 -35.03
N LYS A 11 12.92 -15.55 -35.85
CA LYS A 11 13.93 -14.51 -35.95
C LYS A 11 14.11 -13.76 -34.61
N ILE A 12 12.99 -13.41 -33.96
CA ILE A 12 13.01 -12.64 -32.70
C ILE A 12 13.77 -13.44 -31.64
N GLU A 13 13.45 -14.73 -31.56
CA GLU A 13 14.05 -15.63 -30.59
C GLU A 13 15.57 -15.74 -30.78
N ARG A 14 16.03 -15.78 -32.02
CA ARG A 14 17.48 -15.75 -32.29
C ARG A 14 18.14 -14.40 -31.95
N ILE A 15 17.46 -13.29 -32.23
CA ILE A 15 18.01 -11.97 -31.87
C ILE A 15 18.20 -11.90 -30.35
N ILE A 16 17.16 -12.31 -29.64
CA ILE A 16 17.18 -12.40 -28.18
C ILE A 16 18.31 -13.28 -27.62
N ALA A 17 18.42 -14.52 -28.12
CA ALA A 17 19.42 -15.47 -27.65
C ALA A 17 20.83 -14.90 -27.86
N ARG A 18 21.03 -14.29 -29.02
N ARG A 18 21.03 -14.29 -29.02
CA ARG A 18 22.30 -13.63 -29.37
CA ARG A 18 22.31 -13.64 -29.34
C ARG A 18 22.66 -12.54 -28.35
C ARG A 18 22.65 -12.56 -28.31
N LEU A 19 21.71 -11.64 -28.10
CA LEU A 19 21.89 -10.58 -27.10
C LEU A 19 22.12 -11.15 -25.70
N GLN A 20 21.33 -12.14 -25.29
CA GLN A 20 21.51 -12.78 -23.95
C GLN A 20 22.88 -13.43 -23.75
N ARG A 21 23.34 -14.15 -24.78
CA ARG A 21 24.66 -14.78 -24.70
CA ARG A 21 24.66 -14.79 -24.77
C ARG A 21 25.77 -13.74 -24.61
N ARG A 22 25.73 -12.69 -25.43
CA ARG A 22 26.72 -11.60 -25.29
C ARG A 22 26.77 -11.04 -23.89
N ILE A 23 25.59 -10.86 -23.28
CA ILE A 23 25.51 -10.33 -21.93
C ILE A 23 25.99 -11.35 -20.88
N ALA A 24 25.60 -12.61 -21.03
CA ALA A 24 26.02 -13.66 -20.09
C ALA A 24 27.56 -13.81 -20.00
N GLU A 25 28.26 -13.70 -21.14
CA GLU A 25 29.71 -13.95 -21.19
C GLU A 25 30.56 -12.69 -21.04
N GLY A 26 29.95 -11.54 -21.34
CA GLY A 26 30.69 -10.30 -21.50
C GLY A 26 31.05 -9.60 -20.20
N GLN A 27 32.10 -8.79 -20.26
CA GLN A 27 32.44 -7.84 -19.20
C GLN A 27 31.51 -6.60 -19.27
N PRO A 28 31.52 -5.75 -18.22
CA PRO A 28 30.55 -4.64 -18.20
C PRO A 28 30.47 -3.79 -19.47
N GLU A 29 31.60 -3.46 -20.10
CA GLU A 29 31.57 -2.67 -21.34
CA GLU A 29 31.63 -2.70 -21.37
C GLU A 29 30.81 -3.39 -22.48
N GLU A 30 31.04 -4.69 -22.67
CA GLU A 30 30.31 -5.46 -23.68
CA GLU A 30 30.30 -5.47 -23.67
C GLU A 30 28.82 -5.59 -23.34
N GLN A 31 28.51 -5.70 -22.05
CA GLN A 31 27.12 -5.79 -21.57
C GLN A 31 26.36 -4.51 -21.84
N TYR A 32 27.03 -3.37 -21.59
CA TYR A 32 26.48 -2.06 -21.92
C TYR A 32 26.22 -1.91 -23.43
N GLU A 33 27.16 -2.35 -24.27
CA GLU A 33 26.97 -2.28 -25.73
C GLU A 33 25.77 -3.14 -26.19
N ALA A 34 25.65 -4.33 -25.62
CA ALA A 34 24.52 -5.19 -25.92
C ALA A 34 23.19 -4.55 -25.51
N ALA A 35 23.19 -3.87 -24.36
CA ALA A 35 21.96 -3.17 -23.91
C ALA A 35 21.63 -2.06 -24.88
N GLN A 36 22.65 -1.34 -25.37
CA GLN A 36 22.42 -0.28 -26.36
C GLN A 36 21.91 -0.82 -27.68
N GLU A 37 22.45 -1.97 -28.10
CA GLU A 37 22.00 -2.57 -29.33
C GLU A 37 20.56 -3.07 -29.13
N THR A 38 20.23 -3.54 -27.93
CA THR A 38 18.85 -3.96 -27.63
C THR A 38 17.86 -2.79 -27.82
N ARG A 39 18.23 -1.60 -27.33
CA ARG A 39 17.38 -0.41 -27.50
C ARG A 39 17.12 -0.12 -28.96
N LEU A 40 18.16 -0.18 -29.78
CA LEU A 40 18.02 0.09 -31.20
C LEU A 40 17.10 -0.95 -31.87
N VAL A 41 17.32 -2.23 -31.61
CA VAL A 41 16.48 -3.26 -32.21
C VAL A 41 15.00 -3.12 -31.79
N ALA A 42 14.77 -2.94 -30.48
CA ALA A 42 13.42 -2.76 -29.96
C ALA A 42 12.76 -1.51 -30.60
N ALA A 43 13.50 -0.41 -30.69
CA ALA A 43 12.94 0.82 -31.29
C ALA A 43 12.53 0.59 -32.76
N ARG A 44 13.34 -0.14 -33.52
CA ARG A 44 12.90 -0.49 -34.88
C ARG A 44 11.58 -1.28 -34.94
N TYR A 45 11.43 -2.31 -34.10
CA TYR A 45 10.15 -3.04 -34.06
C TYR A 45 8.99 -2.15 -33.63
N SER A 46 9.24 -1.32 -32.61
CA SER A 46 8.26 -0.36 -32.13
C SER A 46 7.80 0.60 -33.22
N LYS A 47 8.74 1.17 -33.97
CA LYS A 47 8.45 2.13 -35.05
C LYS A 47 7.50 1.53 -36.08
N GLN A 48 7.67 0.25 -36.37
CA GLN A 48 6.79 -0.41 -37.31
C GLN A 48 5.51 -1.01 -36.69
N GLY A 49 5.25 -0.73 -35.42
CA GLY A 49 4.03 -1.21 -34.76
C GLY A 49 4.08 -2.68 -34.32
N ASN A 50 5.26 -3.28 -34.33
CA ASN A 50 5.39 -4.65 -33.84
C ASN A 50 5.73 -4.56 -32.33
N TRP A 51 4.71 -4.20 -31.56
CA TRP A 51 4.87 -3.99 -30.12
C TRP A 51 5.21 -5.27 -29.41
N ALA A 52 4.64 -6.39 -29.89
CA ALA A 52 4.85 -7.68 -29.25
C ALA A 52 6.34 -8.09 -29.30
N ALA A 53 6.99 -7.81 -30.43
CA ALA A 53 8.41 -8.05 -30.57
C ALA A 53 9.24 -7.14 -29.65
N ALA A 54 8.95 -5.85 -29.67
CA ALA A 54 9.69 -4.91 -28.85
C ALA A 54 9.61 -5.34 -27.38
N VAL A 55 8.40 -5.70 -26.92
CA VAL A 55 8.17 -6.11 -25.55
C VAL A 55 8.96 -7.38 -25.20
N ASP A 56 8.92 -8.39 -26.06
CA ASP A 56 9.60 -9.66 -25.74
CA ASP A 56 9.60 -9.67 -25.78
C ASP A 56 11.10 -9.40 -25.65
N ILE A 57 11.63 -8.62 -26.59
CA ILE A 57 13.05 -8.26 -26.59
C ILE A 57 13.46 -7.51 -25.31
N LEU A 58 12.75 -6.43 -24.99
CA LEU A 58 13.07 -5.64 -23.79
C LEU A 58 12.93 -6.46 -22.49
N ALA A 59 11.83 -7.20 -22.36
CA ALA A 59 11.62 -7.99 -21.13
C ALA A 59 12.70 -9.07 -20.96
N SER A 60 13.02 -9.82 -22.03
CA SER A 60 13.99 -10.90 -21.90
C SER A 60 15.38 -10.35 -21.59
N VAL A 61 15.79 -9.32 -22.31
CA VAL A 61 17.15 -8.78 -22.17
C VAL A 61 17.31 -7.99 -20.86
N SER A 62 16.27 -7.25 -20.48
CA SER A 62 16.25 -6.57 -19.18
C SER A 62 16.50 -7.57 -18.05
N GLN A 63 15.75 -8.67 -18.07
CA GLN A 63 15.91 -9.69 -17.03
C GLN A 63 17.32 -10.31 -17.05
N THR A 64 17.84 -10.58 -18.25
CA THR A 64 19.22 -11.10 -18.33
C THR A 64 20.26 -10.15 -17.73
N LEU A 65 20.11 -8.85 -18.03
CA LEU A 65 21.03 -7.86 -17.50
C LEU A 65 20.93 -7.80 -15.98
N LEU A 66 19.69 -7.78 -15.49
CA LEU A 66 19.45 -7.77 -14.04
C LEU A 66 20.03 -9.01 -13.34
N ARG A 67 19.90 -10.18 -13.96
CA ARG A 67 20.50 -11.42 -13.42
C ARG A 67 22.03 -11.38 -13.46
N SER A 68 22.60 -10.64 -14.40
CA SER A 68 24.05 -10.56 -14.52
C SER A 68 24.64 -9.40 -13.73
N GLY A 69 23.91 -8.90 -12.75
CA GLY A 69 24.38 -7.79 -11.92
C GLY A 69 24.52 -6.42 -12.59
N GLN A 70 23.92 -6.22 -13.76
CA GLN A 70 23.95 -4.91 -14.41
C GLN A 70 22.64 -4.16 -14.15
N GLY A 71 22.50 -3.68 -12.92
CA GLY A 71 21.24 -3.13 -12.42
C GLY A 71 20.86 -1.84 -13.12
N GLY A 72 21.86 -1.03 -13.43
CA GLY A 72 21.67 0.22 -14.18
C GLY A 72 21.16 0.01 -15.58
N SER A 73 21.88 -0.73 -16.40
CA SER A 73 21.42 -1.02 -17.77
C SER A 73 20.14 -1.85 -17.81
N GLY A 74 20.10 -2.93 -17.03
CA GLY A 74 18.90 -3.76 -16.91
C GLY A 74 17.68 -2.97 -16.46
N GLY A 75 17.87 -2.07 -15.49
CA GLY A 75 16.76 -1.25 -14.98
C GLY A 75 16.29 -0.25 -16.02
N ASP A 76 17.23 0.35 -16.74
CA ASP A 76 16.88 1.28 -17.80
C ASP A 76 16.04 0.56 -18.87
N LEU A 77 16.42 -0.67 -19.21
CA LEU A 77 15.60 -1.44 -20.16
C LEU A 77 14.21 -1.78 -19.60
N ALA A 78 14.15 -2.04 -18.30
CA ALA A 78 12.86 -2.34 -17.63
C ALA A 78 11.96 -1.10 -17.68
N VAL A 79 12.54 0.08 -17.47
CA VAL A 79 11.77 1.34 -17.61
C VAL A 79 11.30 1.54 -19.06
N LEU A 80 12.16 1.22 -20.03
CA LEU A 80 11.80 1.33 -21.45
CA LEU A 80 11.79 1.34 -21.44
C LEU A 80 10.64 0.37 -21.78
N LEU A 81 10.62 -0.78 -21.12
CA LEU A 81 9.58 -1.76 -21.32
C LEU A 81 8.23 -1.15 -20.94
N VAL A 82 8.18 -0.48 -19.78
CA VAL A 82 6.94 0.18 -19.35
C VAL A 82 6.57 1.24 -20.38
N ASP A 83 7.52 2.06 -20.84
CA ASP A 83 7.18 3.10 -21.80
CA ASP A 83 7.10 3.09 -21.78
C ASP A 83 6.67 2.48 -23.12
N THR A 84 7.18 1.29 -23.43
CA THR A 84 6.75 0.56 -24.61
C THR A 84 5.31 0.12 -24.45
N PHE A 85 4.92 -0.36 -23.27
CA PHE A 85 3.52 -0.75 -22.99
C PHE A 85 2.60 0.47 -23.17
N ARG A 86 3.01 1.60 -22.64
CA ARG A 86 2.28 2.87 -22.87
C ARG A 86 2.06 3.22 -24.32
N GLN A 87 3.15 3.22 -25.09
CA GLN A 87 3.11 3.57 -26.51
C GLN A 87 2.27 2.59 -27.33
N ALA A 88 2.31 1.32 -26.93
CA ALA A 88 1.49 0.28 -27.54
C ALA A 88 0.01 0.37 -27.15
N GLY A 89 -0.31 1.18 -26.15
CA GLY A 89 -1.67 1.16 -25.58
C GLY A 89 -2.02 -0.19 -24.92
N GLN A 90 -0.99 -0.89 -24.43
CA GLN A 90 -1.17 -2.19 -23.76
C GLN A 90 -1.88 -2.01 -22.41
N ARG A 91 -3.10 -2.56 -22.30
CA ARG A 91 -3.81 -2.55 -21.02
C ARG A 91 -3.20 -3.54 -20.04
N VAL A 92 -3.36 -3.27 -18.74
CA VAL A 92 -2.94 -4.21 -17.71
C VAL A 92 -3.62 -5.59 -17.94
N ASP A 93 -2.81 -6.63 -18.04
CA ASP A 93 -3.32 -7.98 -18.18
C ASP A 93 -2.30 -8.97 -17.61
N GLY A 94 -2.61 -10.26 -17.66
CA GLY A 94 -1.77 -11.23 -16.96
C GLY A 94 -0.34 -11.28 -17.46
N ALA A 95 -0.19 -11.33 -18.77
CA ALA A 95 1.13 -11.45 -19.39
C ALA A 95 1.99 -10.19 -19.22
N SER A 96 1.38 -9.01 -19.34
CA SER A 96 2.16 -7.74 -19.19
C SER A 96 2.56 -7.56 -17.73
N ARG A 97 1.62 -7.83 -16.81
CA ARG A 97 1.93 -7.76 -15.39
C ARG A 97 3.03 -8.80 -15.09
N GLY A 98 2.93 -10.01 -15.65
CA GLY A 98 3.94 -11.04 -15.37
C GLY A 98 5.34 -10.62 -15.82
N LYS A 99 5.45 -9.97 -16.96
CA LYS A 99 6.77 -9.49 -17.43
C LYS A 99 7.32 -8.43 -16.48
N LEU A 100 6.45 -7.53 -16.01
CA LEU A 100 6.91 -6.45 -15.11
C LEU A 100 7.35 -7.02 -13.75
N LEU A 101 6.60 -8.00 -13.24
CA LEU A 101 6.99 -8.67 -11.98
C LEU A 101 8.27 -9.46 -12.14
N GLY A 102 8.47 -10.05 -13.31
CA GLY A 102 9.72 -10.76 -13.59
C GLY A 102 10.91 -9.81 -13.50
N CYS A 103 10.77 -8.59 -14.02
CA CYS A 103 11.85 -7.58 -13.89
C CYS A 103 12.02 -7.12 -12.44
N LEU A 104 10.90 -6.77 -11.82
CA LEU A 104 10.87 -6.25 -10.44
C LEU A 104 11.68 -7.09 -9.46
N ARG A 105 11.43 -8.40 -9.50
CA ARG A 105 12.01 -9.32 -8.53
C ARG A 105 13.51 -9.52 -8.76
N LEU A 106 14.01 -9.12 -9.92
CA LEU A 106 15.45 -9.26 -10.19
C LEU A 106 16.31 -8.04 -9.86
N PHE A 107 15.70 -6.92 -9.51
CA PHE A 107 16.47 -5.76 -9.05
C PHE A 107 17.05 -6.01 -7.67
N GLN A 108 18.26 -5.51 -7.42
CA GLN A 108 18.76 -5.39 -6.04
C GLN A 108 17.94 -4.33 -5.33
N PRO A 109 17.60 -4.55 -4.03
CA PRO A 109 16.84 -3.60 -3.23
C PRO A 109 17.39 -2.19 -3.28
N GLY A 110 18.71 -2.06 -3.28
CA GLY A 110 19.34 -0.76 -3.29
C GLY A 110 19.59 -0.13 -4.65
N GLU A 111 19.23 -0.82 -5.74
CA GLU A 111 19.43 -0.26 -7.08
C GLU A 111 18.57 1.01 -7.23
N PRO A 112 19.21 2.18 -7.49
CA PRO A 112 18.44 3.43 -7.61
C PRO A 112 17.38 3.38 -8.71
N VAL A 113 17.68 2.69 -9.81
CA VAL A 113 16.74 2.67 -10.91
C VAL A 113 15.46 1.91 -10.53
N ARG A 114 15.50 1.04 -9.51
CA ARG A 114 14.26 0.32 -9.10
C ARG A 114 13.14 1.26 -8.66
N LYS A 115 13.50 2.37 -8.02
CA LYS A 115 12.55 3.40 -7.58
C LYS A 115 11.78 3.99 -8.77
N ARG A 116 12.52 4.38 -9.80
CA ARG A 116 11.92 4.87 -11.05
CA ARG A 116 11.94 4.86 -11.06
C ARG A 116 11.06 3.78 -11.70
N PHE A 117 11.57 2.55 -11.77
CA PHE A 117 10.82 1.46 -12.38
C PHE A 117 9.47 1.28 -11.67
N VAL A 118 9.49 1.27 -10.33
CA VAL A 118 8.27 1.04 -9.56
C VAL A 118 7.28 2.16 -9.81
N LYS A 119 7.76 3.39 -9.76
CA LYS A 119 6.93 4.55 -10.08
C LYS A 119 6.29 4.45 -11.46
N GLU A 120 7.10 4.14 -12.48
CA GLU A 120 6.59 4.08 -13.85
C GLU A 120 5.55 2.98 -14.03
N MET A 121 5.87 1.79 -13.51
CA MET A 121 5.05 0.59 -13.64
C MET A 121 3.65 0.83 -13.00
N ILE A 122 3.65 1.38 -11.77
CA ILE A 122 2.40 1.69 -11.09
C ILE A 122 1.59 2.72 -11.87
N ASP A 123 2.26 3.75 -12.38
CA ASP A 123 1.61 4.84 -13.15
C ASP A 123 1.02 4.28 -14.44
N TRP A 124 1.76 3.44 -15.14
CA TRP A 124 1.15 2.79 -16.32
C TRP A 124 -0.11 2.00 -15.88
N SER A 125 -0.02 1.29 -14.76
CA SER A 125 -1.15 0.46 -14.34
C SER A 125 -2.39 1.32 -13.94
N LYS A 126 -2.17 2.53 -13.46
CA LYS A 126 -3.28 3.44 -13.14
C LYS A 126 -4.00 3.91 -14.39
N LYS A 127 -3.20 4.28 -15.39
CA LYS A 127 -3.73 4.84 -16.63
C LYS A 127 -4.23 3.78 -17.61
N PHE A 128 -3.64 2.58 -17.56
CA PHE A 128 -3.93 1.55 -18.54
C PHE A 128 -4.66 0.34 -17.93
N GLY A 129 -5.07 0.45 -16.67
CA GLY A 129 -5.77 -0.64 -15.99
C GLY A 129 -7.13 -0.15 -15.47
N ASP A 130 -7.92 -1.06 -14.91
CA ASP A 130 -9.27 -0.70 -14.45
C ASP A 130 -9.28 -0.01 -13.06
N TYR A 131 -8.15 0.00 -12.35
CA TYR A 131 -8.11 0.56 -10.99
C TYR A 131 -7.31 1.84 -10.98
N PRO A 132 -7.98 3.00 -10.87
CA PRO A 132 -7.20 4.26 -11.00
C PRO A 132 -6.16 4.51 -9.92
N ALA A 133 -6.28 3.86 -8.75
CA ALA A 133 -5.21 3.96 -7.73
C ALA A 133 -4.05 3.00 -8.04
N GLY A 134 -4.21 2.16 -9.05
CA GLY A 134 -3.11 1.32 -9.59
C GLY A 134 -3.40 -0.14 -9.40
N ASP A 135 -2.70 -1.02 -10.11
CA ASP A 135 -3.06 -2.44 -10.14
C ASP A 135 -2.89 -3.06 -8.75
N PRO A 136 -3.96 -3.71 -8.23
CA PRO A 136 -3.80 -4.26 -6.89
C PRO A 136 -2.65 -5.28 -6.70
N GLU A 137 -2.50 -6.20 -7.66
CA GLU A 137 -1.46 -7.25 -7.52
C GLU A 137 -0.06 -6.62 -7.58
N LEU A 138 0.12 -5.60 -8.43
CA LEU A 138 1.42 -4.90 -8.42
C LEU A 138 1.67 -4.22 -7.08
N HIS A 139 0.63 -3.55 -6.52
CA HIS A 139 0.75 -2.95 -5.18
C HIS A 139 1.07 -4.02 -4.13
N HIS A 140 0.39 -5.15 -4.21
CA HIS A 140 0.68 -6.24 -3.28
C HIS A 140 2.16 -6.69 -3.30
N VAL A 141 2.66 -7.04 -4.49
CA VAL A 141 4.03 -7.48 -4.63
C VAL A 141 5.07 -6.42 -4.20
N VAL A 142 4.90 -5.16 -4.62
CA VAL A 142 5.81 -4.09 -4.22
C VAL A 142 5.75 -3.98 -2.70
N GLY A 143 4.53 -4.03 -2.16
CA GLY A 143 4.33 -3.93 -0.73
C GLY A 143 5.05 -5.05 0.02
N THR A 144 4.95 -6.28 -0.50
CA THR A 144 5.65 -7.41 0.16
C THR A 144 7.17 -7.30 0.07
N LEU A 145 7.67 -6.81 -1.03
CA LEU A 145 9.09 -6.55 -1.18
C LEU A 145 9.57 -5.52 -0.15
N TYR A 146 8.84 -4.42 -0.01
CA TYR A 146 9.18 -3.42 1.01
C TYR A 146 9.19 -3.98 2.43
N VAL A 147 8.18 -4.79 2.78
CA VAL A 147 8.21 -5.55 4.03
C VAL A 147 9.49 -6.39 4.23
N GLU A 148 9.86 -7.21 3.25
CA GLU A 148 11.09 -8.03 3.32
C GLU A 148 12.35 -7.20 3.57
N GLU A 149 12.39 -6.01 3.01
CA GLU A 149 13.53 -5.12 3.11
C GLU A 149 13.45 -4.19 4.33
N GLY A 150 12.43 -4.38 5.17
CA GLY A 150 12.26 -3.52 6.36
C GLY A 150 11.85 -2.08 6.08
N GLU A 151 11.28 -1.82 4.91
CA GLU A 151 10.74 -0.49 4.61
C GLU A 151 9.23 -0.44 4.91
N PHE A 152 8.92 -0.35 6.20
CA PHE A 152 7.55 -0.58 6.65
C PHE A 152 6.61 0.58 6.23
N GLU A 153 7.10 1.81 6.35
CA GLU A 153 6.31 3.00 5.97
CA GLU A 153 6.31 2.99 5.95
C GLU A 153 5.93 2.98 4.48
N ALA A 154 6.91 2.67 3.65
CA ALA A 154 6.69 2.53 2.21
C ALA A 154 5.74 1.33 1.92
N ALA A 155 5.90 0.22 2.64
CA ALA A 155 5.03 -0.94 2.42
C ALA A 155 3.56 -0.60 2.69
N GLU A 156 3.28 0.18 3.74
CA GLU A 156 1.89 0.49 4.14
C GLU A 156 1.11 1.14 3.00
N LYS A 157 1.75 2.10 2.32
CA LYS A 157 1.10 2.81 1.22
C LYS A 157 0.68 1.90 0.06
N HIS A 158 1.46 0.85 -0.24
CA HIS A 158 1.07 -0.10 -1.29
C HIS A 158 0.09 -1.17 -0.80
N LEU A 159 0.32 -1.70 0.40
CA LEU A 159 -0.54 -2.81 0.89
C LEU A 159 -1.99 -2.41 1.09
N VAL A 160 -2.25 -1.14 1.45
CA VAL A 160 -3.63 -0.68 1.62
CA VAL A 160 -3.63 -0.63 1.63
C VAL A 160 -4.40 -0.65 0.30
N LEU A 161 -3.65 -0.63 -0.80
CA LEU A 161 -4.17 -0.67 -2.16
C LEU A 161 -4.04 -2.04 -2.84
N GLY A 162 -3.78 -3.10 -2.06
CA GLY A 162 -3.42 -4.40 -2.60
C GLY A 162 -4.61 -5.33 -2.84
N THR A 163 -4.31 -6.62 -2.81
CA THR A 163 -5.27 -7.66 -3.15
C THR A 163 -5.83 -8.23 -1.85
N LYS A 164 -6.64 -9.28 -1.97
CA LYS A 164 -7.13 -9.99 -0.80
C LYS A 164 -6.01 -10.60 0.05
N GLU A 165 -4.80 -10.75 -0.50
CA GLU A 165 -3.68 -11.27 0.29
C GLU A 165 -2.96 -10.18 1.07
N SER A 166 -3.23 -8.93 0.72
CA SER A 166 -2.47 -7.81 1.32
C SER A 166 -2.75 -7.56 2.81
N PRO A 167 -4.02 -7.68 3.28
CA PRO A 167 -4.27 -7.34 4.70
C PRO A 167 -3.51 -8.21 5.70
N GLU A 168 -3.32 -9.49 5.37
CA GLU A 168 -2.58 -10.35 6.27
C GLU A 168 -1.10 -9.95 6.28
N VAL A 169 -0.55 -9.60 5.11
CA VAL A 169 0.85 -9.15 5.06
C VAL A 169 1.01 -7.87 5.89
N LEU A 170 0.09 -6.94 5.73
CA LEU A 170 0.17 -5.67 6.44
C LEU A 170 0.03 -5.85 7.96
N ALA A 171 -0.94 -6.65 8.39
CA ALA A 171 -1.17 -6.88 9.82
C ALA A 171 0.07 -7.57 10.48
N ARG A 172 0.65 -8.54 9.78
CA ARG A 172 1.89 -9.22 10.29
C ARG A 172 3.09 -8.30 10.32
N MET A 173 3.18 -7.40 9.34
CA MET A 173 4.21 -6.36 9.35
C MET A 173 4.00 -5.40 10.53
N GLU A 174 2.78 -4.93 10.73
CA GLU A 174 2.48 -4.09 11.89
C GLU A 174 2.77 -4.82 13.19
N TYR A 175 2.47 -6.11 13.27
CA TYR A 175 2.81 -6.87 14.46
C TYR A 175 4.34 -6.94 14.67
N GLU A 176 5.10 -7.19 13.60
CA GLU A 176 6.59 -7.19 13.72
C GLU A 176 7.11 -5.84 14.19
N TRP A 177 6.51 -4.78 13.67
CA TRP A 177 6.89 -3.44 14.08
C TRP A 177 6.56 -3.19 15.55
N TYR A 178 5.37 -3.60 15.98
CA TYR A 178 4.96 -3.51 17.39
C TYR A 178 5.93 -4.20 18.35
N LYS A 179 6.48 -5.35 17.93
CA LYS A 179 7.38 -6.10 18.82
C LYS A 179 8.70 -5.36 19.10
N GLN A 180 9.00 -4.35 18.29
CA GLN A 180 10.15 -3.49 18.51
C GLN A 180 9.80 -2.33 19.45
N ASP A 181 8.55 -2.26 19.88
CA ASP A 181 8.09 -1.12 20.70
C ASP A 181 7.61 -1.68 22.03
N GLU A 182 7.12 -0.82 22.92
CA GLU A 182 6.67 -1.26 24.26
C GLU A 182 5.31 -1.94 24.14
N SER A 183 5.01 -2.89 25.02
CA SER A 183 3.82 -3.71 24.83
C SER A 183 2.47 -2.98 24.93
N HIS A 184 2.41 -1.82 25.60
CA HIS A 184 1.15 -1.05 25.67
C HIS A 184 0.77 -0.43 24.31
N THR A 185 1.72 -0.41 23.37
CA THR A 185 1.46 0.20 22.06
C THR A 185 0.72 -0.70 21.10
N ALA A 186 0.33 -1.92 21.52
CA ALA A 186 -0.41 -2.85 20.59
C ALA A 186 -1.55 -2.18 19.77
N PRO A 187 -2.44 -1.37 20.42
CA PRO A 187 -3.56 -0.77 19.65
C PRO A 187 -3.11 0.20 18.58
N LEU A 188 -1.96 0.86 18.77
CA LEU A 188 -1.44 1.82 17.78
C LEU A 188 -1.03 1.11 16.49
N TYR A 189 -0.40 -0.05 16.61
CA TYR A 189 0.02 -0.81 15.44
C TYR A 189 -1.16 -1.51 14.81
N CYS A 190 -2.10 -1.95 15.64
CA CYS A 190 -3.32 -2.54 15.09
C CYS A 190 -4.05 -1.49 14.24
N ALA A 191 -4.13 -0.24 14.73
CA ALA A 191 -4.81 0.84 14.04
C ALA A 191 -4.17 1.17 12.70
N ARG A 192 -2.83 1.09 12.62
CA ARG A 192 -2.12 1.27 11.33
C ARG A 192 -2.48 0.22 10.27
N ALA A 193 -2.94 -0.96 10.70
CA ALA A 193 -3.37 -2.02 9.76
C ALA A 193 -4.85 -1.98 9.49
N VAL A 194 -5.63 -1.41 10.41
CA VAL A 194 -7.10 -1.46 10.32
C VAL A 194 -7.72 -0.19 9.77
N LEU A 195 -7.36 0.96 10.35
CA LEU A 195 -7.94 2.25 9.94
C LEU A 195 -7.73 2.59 8.47
N PRO A 196 -6.50 2.39 7.94
CA PRO A 196 -6.32 2.73 6.51
C PRO A 196 -7.25 1.94 5.57
N TYR A 197 -7.53 0.67 5.88
CA TYR A 197 -8.49 -0.08 5.07
C TYR A 197 -9.91 0.48 5.16
N LEU A 198 -10.33 0.89 6.36
CA LEU A 198 -11.62 1.59 6.50
C LEU A 198 -11.64 2.87 5.66
N LEU A 199 -10.54 3.63 5.68
CA LEU A 199 -10.45 4.88 4.91
C LEU A 199 -10.55 4.71 3.38
N VAL A 200 -10.16 3.55 2.85
CA VAL A 200 -10.34 3.29 1.40
C VAL A 200 -11.55 2.39 1.18
N ALA A 201 -12.46 2.39 2.16
CA ALA A 201 -13.78 1.75 2.04
C ALA A 201 -13.66 0.25 1.81
N ASN A 202 -12.69 -0.39 2.48
CA ASN A 202 -12.50 -1.80 2.35
C ASN A 202 -12.66 -2.46 3.74
N VAL A 203 -13.91 -2.63 4.15
CA VAL A 203 -14.25 -3.18 5.44
C VAL A 203 -13.75 -4.61 5.57
N ARG A 204 -13.88 -5.39 4.50
CA ARG A 204 -13.43 -6.78 4.47
CA ARG A 204 -13.45 -6.78 4.53
C ARG A 204 -11.96 -6.85 4.89
N ALA A 205 -11.15 -6.01 4.26
CA ALA A 205 -9.72 -5.97 4.54
C ALA A 205 -9.44 -5.51 5.99
N ALA A 206 -10.18 -4.50 6.44
CA ALA A 206 -10.03 -3.99 7.81
C ALA A 206 -10.26 -5.13 8.80
N ASN A 207 -11.32 -5.91 8.54
CA ASN A 207 -11.65 -7.08 9.36
C ASN A 207 -10.54 -8.11 9.37
N THR A 208 -10.03 -8.42 8.18
CA THR A 208 -8.96 -9.40 8.06
C THR A 208 -7.71 -8.91 8.84
N ALA A 209 -7.28 -7.66 8.61
CA ALA A 209 -6.10 -7.15 9.31
C ALA A 209 -6.28 -7.23 10.84
N TYR A 210 -7.46 -6.85 11.30
CA TYR A 210 -7.78 -6.93 12.72
C TYR A 210 -7.67 -8.37 13.26
N ARG A 211 -8.24 -9.32 12.52
CA ARG A 211 -8.21 -10.70 12.98
C ARG A 211 -6.76 -11.22 13.00
N ILE A 212 -6.01 -10.97 11.94
CA ILE A 212 -4.60 -11.41 11.91
C ILE A 212 -3.77 -10.79 13.02
N PHE A 213 -3.90 -9.48 13.21
CA PHE A 213 -3.03 -8.81 14.20
C PHE A 213 -3.38 -9.34 15.62
N THR A 214 -4.67 -9.36 15.94
CA THR A 214 -5.08 -9.85 17.25
C THR A 214 -4.80 -11.34 17.49
N SER A 215 -4.89 -12.18 16.43
CA SER A 215 -4.47 -13.59 16.60
C SER A 215 -2.99 -13.67 16.92
N ALA A 216 -2.18 -12.82 16.26
CA ALA A 216 -0.74 -12.82 16.49
C ALA A 216 -0.45 -12.40 17.94
N LEU A 217 -1.14 -11.36 18.39
CA LEU A 217 -0.99 -10.85 19.74
C LEU A 217 -1.26 -11.96 20.78
N VAL A 218 -2.37 -12.69 20.62
CA VAL A 218 -2.71 -13.79 21.51
C VAL A 218 -1.70 -14.94 21.47
N GLU A 219 -1.32 -15.36 20.27
CA GLU A 219 -0.44 -16.52 20.18
CA GLU A 219 -0.40 -16.50 20.12
C GLU A 219 0.96 -16.22 20.73
N ASP A 220 1.37 -14.95 20.66
CA ASP A 220 2.67 -14.48 21.15
CA ASP A 220 2.68 -14.55 21.19
C ASP A 220 2.63 -14.13 22.65
N ASN A 221 1.44 -13.97 23.21
CA ASN A 221 1.28 -13.55 24.59
C ASN A 221 0.19 -14.41 25.24
N LYS A 222 0.50 -15.66 25.51
CA LYS A 222 -0.51 -16.61 25.97
C LYS A 222 -1.07 -16.25 27.34
N GLY A 223 -0.36 -15.43 28.09
CA GLY A 223 -0.84 -14.96 29.40
C GLY A 223 -1.82 -13.78 29.35
N LEU A 224 -1.93 -13.13 28.17
CA LEU A 224 -2.69 -11.91 28.03
C LEU A 224 -4.20 -12.17 28.06
N THR A 225 -4.90 -11.60 29.05
CA THR A 225 -6.34 -11.85 29.22
C THR A 225 -7.07 -11.44 27.96
N VAL A 226 -7.90 -12.35 27.48
CA VAL A 226 -8.64 -12.14 26.25
C VAL A 226 -10.00 -12.84 26.31
N GLN A 227 -11.01 -12.17 25.74
CA GLN A 227 -12.36 -12.69 25.67
C GLN A 227 -12.84 -12.62 24.22
N ASN A 228 -13.75 -13.52 23.87
CA ASN A 228 -14.44 -13.46 22.59
C ASN A 228 -15.88 -12.95 22.69
N ILE A 229 -16.33 -12.31 21.62
CA ILE A 229 -17.75 -12.06 21.37
C ILE A 229 -18.03 -12.54 19.94
N GLY A 230 -16.99 -12.98 19.23
CA GLY A 230 -17.08 -13.45 17.84
C GLY A 230 -17.37 -14.94 17.61
N SER A 231 -16.98 -15.44 16.43
CA SER A 231 -17.19 -16.85 16.06
C SER A 231 -15.87 -17.61 15.89
N ALA A 234 -16.05 -15.01 12.67
CA ALA A 234 -15.75 -13.57 12.73
C ALA A 234 -15.26 -13.20 14.13
N GLU A 235 -14.02 -13.60 14.41
CA GLU A 235 -13.34 -13.41 15.69
C GLU A 235 -13.42 -11.95 16.18
N LEU A 236 -14.06 -11.73 17.31
CA LEU A 236 -14.08 -10.42 17.91
C LEU A 236 -13.50 -10.53 19.32
N ARG A 237 -12.30 -9.94 19.52
CA ARG A 237 -11.56 -10.11 20.76
C ARG A 237 -11.56 -8.86 21.61
N ILE A 238 -11.79 -9.07 22.91
CA ILE A 238 -11.72 -8.04 23.91
C ILE A 238 -10.52 -8.31 24.81
N PHE A 239 -9.70 -7.27 25.00
CA PHE A 239 -8.53 -7.34 25.87
C PHE A 239 -8.70 -6.34 27.01
N PRO A 240 -9.03 -6.82 28.22
CA PRO A 240 -9.26 -5.89 29.33
C PRO A 240 -8.11 -4.94 29.59
N SER A 241 -6.87 -5.35 29.33
CA SER A 241 -5.74 -4.47 29.62
C SER A 241 -5.40 -3.51 28.49
N LEU A 242 -6.14 -3.59 27.37
CA LEU A 242 -5.81 -2.77 26.20
C LEU A 242 -7.08 -2.05 25.70
N PRO A 243 -7.56 -1.05 26.46
CA PRO A 243 -8.82 -0.36 26.11
C PRO A 243 -8.94 0.15 24.66
N LEU A 244 -7.87 0.68 24.08
CA LEU A 244 -7.96 1.22 22.72
C LEU A 244 -8.09 0.13 21.66
N LEU A 245 -7.61 -1.06 21.99
CA LEU A 245 -7.84 -2.17 21.07
C LEU A 245 -9.34 -2.54 21.11
N ASN A 246 -9.93 -2.44 22.29
CA ASN A 246 -11.37 -2.63 22.44
C ASN A 246 -12.17 -1.60 21.69
N PHE A 247 -11.71 -0.35 21.73
CA PHE A 247 -12.29 0.70 20.91
C PHE A 247 -12.29 0.33 19.42
N ILE A 248 -11.13 -0.12 18.93
CA ILE A 248 -11.01 -0.60 17.55
C ILE A 248 -11.96 -1.77 17.24
N SER A 249 -11.99 -2.79 18.11
CA SER A 249 -12.91 -3.93 17.90
C SER A 249 -14.36 -3.47 17.80
N MET A 250 -14.81 -2.61 18.72
CA MET A 250 -16.19 -2.12 18.70
C MET A 250 -16.47 -1.15 17.54
N LEU A 251 -15.48 -0.37 17.16
CA LEU A 251 -15.60 0.48 15.99
C LEU A 251 -15.87 -0.40 14.76
N LEU A 252 -15.08 -1.46 14.59
CA LEU A 252 -15.36 -2.41 13.51
C LEU A 252 -16.76 -3.03 13.55
N LEU A 253 -17.22 -3.41 14.75
CA LEU A 253 -18.61 -3.86 14.87
C LEU A 253 -19.58 -2.79 14.44
N SER A 254 -19.41 -1.57 14.95
CA SER A 254 -20.34 -0.46 14.70
CA SER A 254 -20.38 -0.51 14.70
C SER A 254 -20.45 -0.09 13.22
N VAL A 255 -19.34 -0.22 12.52
CA VAL A 255 -19.29 0.09 11.09
C VAL A 255 -20.36 -0.68 10.26
N GLN A 256 -20.64 -1.93 10.66
CA GLN A 256 -21.70 -2.75 10.04
CA GLN A 256 -21.70 -2.75 10.04
C GLN A 256 -23.08 -2.06 9.98
N LYS A 257 -23.64 -1.67 11.12
CA LYS A 257 -24.88 -0.89 11.09
C LYS A 257 -24.56 0.50 11.61
N GLY A 258 -24.37 1.40 10.66
CA GLY A 258 -23.79 2.71 10.91
C GLY A 258 -24.66 3.68 11.67
N SER A 259 -25.05 3.30 12.88
CA SER A 259 -25.79 4.18 13.77
C SER A 259 -24.82 5.22 14.34
N PRO A 260 -25.06 6.52 14.07
CA PRO A 260 -24.23 7.58 14.64
C PRO A 260 -24.18 7.54 16.17
N ASP A 261 -25.27 7.10 16.79
CA ASP A 261 -25.36 6.90 18.25
C ASP A 261 -24.23 6.01 18.78
N LEU A 262 -23.97 4.93 18.04
CA LEU A 262 -22.91 3.98 18.35
C LEU A 262 -21.54 4.66 18.37
N PHE A 263 -21.26 5.41 17.30
CA PHE A 263 -19.97 6.08 17.12
C PHE A 263 -19.76 7.11 18.21
N ARG A 264 -20.81 7.87 18.49
CA ARG A 264 -20.73 8.92 19.49
C ARG A 264 -20.50 8.30 20.87
N GLN A 265 -21.22 7.23 21.18
CA GLN A 265 -21.03 6.56 22.49
C GLN A 265 -19.63 5.98 22.68
N LEU A 266 -19.04 5.44 21.59
CA LEU A 266 -17.69 4.90 21.63
C LEU A 266 -16.65 5.98 21.90
N LYS A 267 -16.76 7.09 21.16
CA LYS A 267 -15.91 8.27 21.35
C LYS A 267 -16.02 8.83 22.76
N SER A 268 -17.23 8.83 23.30
CA SER A 268 -17.45 9.27 24.66
C SER A 268 -16.84 8.29 25.66
N LYS A 269 -17.13 7.00 25.52
CA LYS A 269 -16.62 5.98 26.43
C LYS A 269 -15.09 6.02 26.52
N TYR A 270 -14.45 6.28 25.38
CA TYR A 270 -13.00 6.16 25.27
C TYR A 270 -12.30 7.51 25.16
N GLU A 271 -13.03 8.58 25.50
CA GLU A 271 -12.50 9.95 25.42
C GLU A 271 -11.15 10.10 26.10
N ALA A 272 -11.01 9.63 27.36
CA ALA A 272 -9.72 9.81 28.05
C ALA A 272 -8.58 9.09 27.34
N ASN A 273 -8.84 7.85 26.91
CA ASN A 273 -7.82 7.03 26.25
C ASN A 273 -7.41 7.63 24.92
N LEU A 274 -8.41 8.11 24.17
CA LEU A 274 -8.15 8.73 22.87
C LEU A 274 -7.36 10.02 23.01
N ASN A 275 -7.66 10.79 24.06
CA ASN A 275 -7.01 12.09 24.32
C ASN A 275 -5.51 11.94 24.51
N GLU A 276 -5.08 10.81 25.07
CA GLU A 276 -3.66 10.51 25.25
C GLU A 276 -2.89 10.33 23.94
N LEU A 277 -3.58 10.19 22.82
CA LEU A 277 -2.96 9.92 21.53
C LEU A 277 -2.40 11.21 20.89
N ASN A 278 -2.74 12.32 21.52
CA ASN A 278 -2.46 13.68 21.04
CA ASN A 278 -2.36 13.64 21.03
C ASN A 278 -2.63 13.86 19.53
N GLY A 279 -3.82 13.44 19.08
CA GLY A 279 -4.32 13.74 17.73
C GLY A 279 -4.03 12.78 16.60
N ILE A 280 -3.24 11.73 16.84
CA ILE A 280 -2.78 10.91 15.71
C ILE A 280 -3.89 10.15 14.99
N TRP A 281 -5.04 9.96 15.63
CA TRP A 281 -6.18 9.30 14.94
C TRP A 281 -7.28 10.26 14.50
N ASP A 282 -7.11 11.56 14.75
CA ASP A 282 -8.22 12.53 14.66
C ASP A 282 -8.78 12.63 13.23
N THR A 283 -7.90 12.81 12.25
CA THR A 283 -8.35 12.94 10.86
C THR A 283 -8.98 11.63 10.35
N ALA A 284 -8.34 10.50 10.69
CA ALA A 284 -8.88 9.18 10.36
C ALA A 284 -10.28 8.99 10.95
N LEU A 285 -10.47 9.34 12.21
CA LEU A 285 -11.76 9.10 12.87
C LEU A 285 -12.85 10.02 12.30
N GLU A 286 -12.47 11.24 11.98
CA GLU A 286 -13.40 12.19 11.32
C GLU A 286 -13.87 11.66 9.98
N LEU A 287 -12.94 11.15 9.18
CA LEU A 287 -13.30 10.60 7.86
C LEU A 287 -14.15 9.35 7.98
N ILE A 288 -13.81 8.50 8.95
CA ILE A 288 -14.60 7.33 9.26
C ILE A 288 -16.03 7.66 9.74
N ALA A 289 -16.17 8.62 10.66
CA ALA A 289 -17.48 9.12 11.08
C ALA A 289 -18.32 9.64 9.90
N GLU A 290 -17.69 10.35 8.98
CA GLU A 290 -18.38 10.76 7.76
C GLU A 290 -18.75 9.58 6.85
N MET A 291 -17.80 8.71 6.57
CA MET A 291 -17.99 7.60 5.62
CA MET A 291 -17.99 7.60 5.61
C MET A 291 -19.04 6.57 6.06
N TYR A 292 -19.02 6.21 7.35
CA TYR A 292 -19.82 5.09 7.84
C TYR A 292 -21.02 5.47 8.68
N PHE A 293 -21.01 6.69 9.19
CA PHE A 293 -22.02 7.08 10.16
C PHE A 293 -22.76 8.34 9.75
N GLY A 294 -22.39 8.90 8.60
CA GLY A 294 -23.04 10.11 8.09
C GLY A 294 -22.81 11.35 8.96
N ILE A 295 -21.80 11.32 9.83
CA ILE A 295 -21.45 12.49 10.66
C ILE A 295 -20.50 13.42 9.89
N GLN A 296 -20.99 14.60 9.54
CA GLN A 296 -20.23 15.56 8.71
C GLN A 296 -18.98 16.02 9.45
N ARG A 297 -17.88 16.16 8.73
CA ARG A 297 -16.63 16.63 9.31
C ARG A 297 -16.75 18.07 9.79
N PRO A 298 -16.34 18.34 11.04
CA PRO A 298 -16.34 19.74 11.53
C PRO A 298 -15.43 20.60 10.68
N ARG A 299 -15.73 21.90 10.61
CA ARG A 299 -14.89 22.85 9.85
C ARG A 299 -13.47 22.79 10.40
N GLN A 300 -12.46 22.90 9.54
CA GLN A 300 -11.09 22.81 10.01
C GLN A 300 -10.70 24.08 10.75
N SER A 301 -10.33 23.92 12.02
CA SER A 301 -9.96 25.05 12.87
C SER A 301 -8.77 25.80 12.30
N ASN A 302 -8.93 27.12 12.19
CA ASN A 302 -7.83 28.02 11.89
C ASN A 302 -7.56 28.90 13.11
N PRO A 303 -6.66 28.45 14.01
CA PRO A 303 -6.41 29.15 15.27
C PRO A 303 -6.10 30.64 15.09
N LEU A 304 -5.35 30.99 14.05
CA LEU A 304 -5.06 32.39 13.73
C LEU A 304 -6.32 33.17 13.38
N LEU A 305 -7.15 32.62 12.50
CA LEU A 305 -8.42 33.25 12.13
C LEU A 305 -9.39 33.37 13.31
N ASP A 306 -9.33 32.40 14.22
CA ASP A 306 -10.06 32.51 15.48
C ASP A 306 -9.59 33.74 16.24
N MET A 307 -8.28 33.86 16.42
CA MET A 307 -7.69 34.97 17.18
C MET A 307 -7.74 36.33 16.45
N MET A 308 -7.61 36.33 15.13
CA MET A 308 -7.66 37.55 14.32
C MET A 308 -9.04 38.21 14.28
N GLY A 309 -10.01 37.50 13.68
CA GLY A 309 -11.39 37.97 13.57
C GLY A 309 -12.04 38.29 14.90
N SER A 310 -11.51 37.69 15.98
CA SER A 310 -11.96 37.95 17.35
C SER A 310 -11.54 39.34 17.87
N LEU A 311 -10.25 39.64 17.82
CA LEU A 311 -9.74 40.98 18.18
C LEU A 311 -10.30 42.09 17.27
N PHE A 312 -10.81 41.70 16.11
CA PHE A 312 -11.34 42.66 15.14
C PHE A 312 -12.71 43.26 15.52
N GLY A 313 -13.79 42.65 15.04
CA GLY A 313 -15.15 43.17 15.23
C GLY A 313 -15.64 43.05 16.66
N GLY A 314 -26.96 40.11 23.20
CA GLY A 314 -25.84 39.44 23.84
C GLY A 314 -25.91 37.94 23.67
N GLY A 315 -25.61 37.21 24.75
CA GLY A 315 -25.78 35.76 24.79
C GLY A 315 -24.82 35.00 25.70
N GLY A 316 -25.28 33.86 26.20
CA GLY A 316 -24.42 32.94 26.93
C GLY A 316 -23.79 31.92 25.98
N ALA A 322 -26.90 29.94 18.88
CA ALA A 322 -28.12 29.46 18.22
C ALA A 322 -28.85 28.51 19.16
N ALA A 323 -30.14 28.79 19.36
CA ALA A 323 -30.99 27.99 20.24
C ALA A 323 -31.07 26.48 19.94
N LEU A 324 -30.45 26.01 18.85
CA LEU A 324 -30.19 24.54 18.75
C LEU A 324 -29.16 24.02 19.79
N ARG A 325 -29.42 24.39 21.05
CA ARG A 325 -28.80 23.82 22.26
C ARG A 325 -29.88 22.99 22.96
N ARG A 326 -29.44 21.96 23.68
CA ARG A 326 -30.34 21.06 24.39
CA ARG A 326 -30.33 21.06 24.40
C ARG A 326 -31.08 21.81 25.51
N ILE A 327 -32.35 21.47 25.72
CA ILE A 327 -33.05 22.03 26.88
C ILE A 327 -32.68 21.15 28.10
N ASP A 328 -31.91 21.75 29.01
CA ASP A 328 -31.38 21.03 30.17
C ASP A 328 -32.44 20.76 31.23
N THR A 329 -32.23 19.72 31.99
CA THR A 329 -33.28 19.22 32.90
C THR A 329 -32.82 19.19 34.36
N PRO A 330 -33.75 19.41 35.32
CA PRO A 330 -33.34 19.53 36.73
C PRO A 330 -32.99 18.19 37.37
#